data_1IA8
#
_entry.id   1IA8
#
_cell.length_a   45.2
_cell.length_b   65.7
_cell.length_c   58.1
_cell.angle_alpha   90
_cell.angle_beta   93.9
_cell.angle_gamma   90
#
_symmetry.space_group_name_H-M   'P 1 21 1'
#
loop_
_entity.id
_entity.type
_entity.pdbx_description
1 polymer 'CHK1 CHECKPOINT KINASE'
2 non-polymer 'SULFATE ION'
3 water water
#
_entity_poly.entity_id   1
_entity_poly.type   'polypeptide(L)'
_entity_poly.pdbx_seq_one_letter_code
;MAVPFVEDWDLVQTLGEGAYGEVQLAVNRVTEEAVAVKIVDMKRAVDCPENIKKEICINKMLNHENVVKFYGHRREGNIQ
YLFLEYCSGGELFDRIEPDIGMPEPDAQRFFHQLMAGVVYLHGIGITHRDIKPENLLLDERDNLKISDFGLATVFRYNNR
ERLLNKMCGTLPYVAPELLKRREFHAEPVDVWSCGIVLTAMLAGELPWDQPSDSCQEYSDWKEKKTYLNPWKKIDSAPLA
LLHKILVENPSARITIPDIKKDRWYNKPLKKGAKRPRVTSGGVSESPSG
;
_entity_poly.pdbx_strand_id   A
#
# COMPACT_ATOMS: atom_id res chain seq x y z
N ALA A 2 -6.61 33.16 17.16
CA ALA A 2 -7.21 34.43 16.66
C ALA A 2 -8.64 34.22 16.19
N VAL A 3 -8.81 33.45 15.11
CA VAL A 3 -10.13 33.17 14.56
C VAL A 3 -10.84 32.13 15.44
N PRO A 4 -11.99 32.52 16.02
CA PRO A 4 -12.81 31.68 16.90
C PRO A 4 -12.94 30.18 16.63
N PHE A 5 -13.88 29.82 15.77
CA PHE A 5 -14.17 28.41 15.48
C PHE A 5 -13.37 27.68 14.39
N VAL A 6 -12.08 27.96 14.28
CA VAL A 6 -11.27 27.29 13.26
C VAL A 6 -10.86 25.87 13.67
N GLU A 7 -11.05 25.54 14.94
CA GLU A 7 -10.69 24.23 15.45
C GLU A 7 -11.87 23.26 15.43
N ASP A 8 -13.00 23.73 14.94
CA ASP A 8 -14.21 22.91 14.88
C ASP A 8 -14.35 22.17 13.55
N TRP A 9 -14.62 20.87 13.64
CA TRP A 9 -14.79 20.01 12.46
C TRP A 9 -16.11 19.26 12.50
N ASP A 10 -16.81 19.23 11.38
CA ASP A 10 -18.07 18.52 11.27
C ASP A 10 -17.83 17.17 10.59
N LEU A 11 -18.36 16.11 11.17
CA LEU A 11 -18.21 14.77 10.61
C LEU A 11 -19.38 14.56 9.66
N VAL A 12 -19.12 14.78 8.37
CA VAL A 12 -20.14 14.67 7.33
C VAL A 12 -20.51 13.26 6.86
N GLN A 13 -19.53 12.37 6.76
CA GLN A 13 -19.82 11.01 6.30
C GLN A 13 -18.73 10.00 6.64
N THR A 14 -19.15 8.72 6.68
CA THR A 14 -18.24 7.63 6.98
C THR A 14 -17.56 7.15 5.70
N LEU A 15 -16.23 7.08 5.74
CA LEU A 15 -15.48 6.63 4.56
C LEU A 15 -15.32 5.12 4.61
N GLY A 16 -15.25 4.58 5.81
CA GLY A 16 -15.11 3.14 5.97
C GLY A 16 -14.99 2.74 7.43
N GLU A 17 -15.69 1.68 7.80
CA GLU A 17 -15.66 1.19 9.17
C GLU A 17 -14.80 -0.06 9.28
N GLY A 18 -13.55 0.12 9.69
CA GLY A 18 -12.64 -1.01 9.81
C GLY A 18 -12.99 -1.89 11.00
N ALA A 19 -12.30 -3.03 11.10
CA ALA A 19 -12.55 -3.97 12.19
C ALA A 19 -11.99 -3.42 13.50
N TYR A 20 -11.43 -2.22 13.43
CA TYR A 20 -10.85 -1.57 14.61
C TYR A 20 -11.13 -0.07 14.64
N GLY A 21 -12.41 0.29 14.52
CA GLY A 21 -12.79 1.68 14.53
C GLY A 21 -13.51 2.10 13.27
N GLU A 22 -13.40 3.37 12.91
CA GLU A 22 -14.05 3.89 11.71
C GLU A 22 -13.34 5.16 11.22
N VAL A 23 -13.58 5.50 9.97
CA VAL A 23 -12.98 6.70 9.38
C VAL A 23 -14.09 7.63 8.93
N GLN A 24 -14.04 8.87 9.40
CA GLN A 24 -15.05 9.87 9.06
C GLN A 24 -14.46 11.03 8.27
N LEU A 25 -15.25 11.56 7.35
CA LEU A 25 -14.82 12.70 6.55
C LEU A 25 -15.16 13.93 7.39
N ALA A 26 -14.15 14.69 7.75
CA ALA A 26 -14.34 15.88 8.57
C ALA A 26 -14.15 17.16 7.76
N VAL A 27 -15.08 18.09 7.91
CA VAL A 27 -15.01 19.36 7.20
C VAL A 27 -14.90 20.48 8.22
N ASN A 28 -13.90 21.35 8.05
CA ASN A 28 -13.70 22.44 8.98
C ASN A 28 -14.84 23.44 8.91
N ARG A 29 -15.34 23.80 10.09
CA ARG A 29 -16.46 24.72 10.23
C ARG A 29 -16.22 26.09 9.57
N VAL A 30 -14.98 26.56 9.61
CA VAL A 30 -14.63 27.86 9.05
C VAL A 30 -14.05 27.81 7.65
N THR A 31 -13.00 27.03 7.46
CA THR A 31 -12.33 26.93 6.16
C THR A 31 -12.94 25.96 5.17
N GLU A 32 -13.70 25.00 5.69
CA GLU A 32 -14.34 23.97 4.89
C GLU A 32 -13.30 22.99 4.35
N GLU A 33 -12.10 23.04 4.93
CA GLU A 33 -11.05 22.12 4.53
C GLU A 33 -11.54 20.73 4.89
N ALA A 34 -11.28 19.75 4.01
CA ALA A 34 -11.71 18.38 4.25
C ALA A 34 -10.53 17.49 4.62
N VAL A 35 -10.70 16.71 5.68
CA VAL A 35 -9.66 15.79 6.14
C VAL A 35 -10.34 14.51 6.60
N ALA A 36 -9.56 13.44 6.74
CA ALA A 36 -10.09 12.17 7.20
C ALA A 36 -9.73 12.01 8.65
N VAL A 37 -10.71 11.62 9.46
CA VAL A 37 -10.49 11.42 10.88
C VAL A 37 -10.70 9.96 11.24
N LYS A 38 -9.63 9.31 11.68
CA LYS A 38 -9.71 7.91 12.07
C LYS A 38 -10.03 7.85 13.55
N ILE A 39 -11.17 7.24 13.87
CA ILE A 39 -11.61 7.15 15.26
C ILE A 39 -11.43 5.72 15.78
N VAL A 40 -10.62 5.57 16.82
CA VAL A 40 -10.36 4.26 17.40
C VAL A 40 -10.60 4.22 18.91
N ASP A 41 -11.46 3.31 19.34
CA ASP A 41 -11.77 3.16 20.75
C ASP A 41 -10.70 2.29 21.41
N MET A 42 -9.76 2.92 22.10
CA MET A 42 -8.67 2.21 22.77
C MET A 42 -9.16 1.10 23.69
N LYS A 43 -10.43 1.16 24.08
CA LYS A 43 -11.00 0.15 24.98
C LYS A 43 -11.67 -0.98 24.19
N ARG A 44 -11.97 -0.72 22.92
CA ARG A 44 -12.60 -1.72 22.07
C ARG A 44 -11.60 -2.77 21.59
N CYS A 48 -6.48 -0.78 20.92
CA CYS A 48 -5.23 -1.09 21.67
C CYS A 48 -4.40 0.17 21.91
N PRO A 49 -4.07 0.46 23.18
CA PRO A 49 -3.28 1.63 23.56
C PRO A 49 -1.91 1.68 22.91
N GLU A 50 -1.19 0.55 22.95
CA GLU A 50 0.14 0.48 22.37
C GLU A 50 0.11 0.51 20.85
N ASN A 51 -0.67 -0.39 20.25
CA ASN A 51 -0.80 -0.47 18.80
C ASN A 51 -1.06 0.91 18.18
N ILE A 52 -2.09 1.59 18.68
CA ILE A 52 -2.44 2.91 18.18
C ILE A 52 -1.28 3.88 18.42
N LYS A 53 -0.63 3.76 19.58
CA LYS A 53 0.49 4.63 19.91
C LYS A 53 1.65 4.48 18.93
N LYS A 54 1.89 3.26 18.47
CA LYS A 54 2.97 3.02 17.53
C LYS A 54 2.60 3.59 16.15
N GLU A 55 1.32 3.46 15.79
CA GLU A 55 0.84 3.96 14.52
C GLU A 55 1.00 5.48 14.47
N ILE A 56 0.74 6.13 15.58
CA ILE A 56 0.88 7.59 15.65
C ILE A 56 2.37 7.93 15.53
N CYS A 57 3.20 7.20 16.26
CA CYS A 57 4.63 7.44 16.24
C CYS A 57 5.17 7.36 14.82
N ILE A 58 4.86 6.26 14.14
CA ILE A 58 5.32 6.07 12.76
C ILE A 58 4.78 7.17 11.87
N ASN A 59 3.50 7.53 12.04
CA ASN A 59 2.90 8.58 11.24
C ASN A 59 3.61 9.93 11.39
N LYS A 60 4.12 10.22 12.58
CA LYS A 60 4.81 11.48 12.81
C LYS A 60 6.12 11.59 12.02
N MET A 61 6.60 10.45 11.53
CA MET A 61 7.83 10.41 10.76
C MET A 61 7.58 10.61 9.27
N LEU A 62 6.33 10.46 8.86
CA LEU A 62 5.97 10.52 7.45
C LEU A 62 5.71 11.87 6.79
N ASN A 63 6.38 12.10 5.67
CA ASN A 63 6.20 13.32 4.89
C ASN A 63 6.63 13.08 3.45
N HIS A 64 5.70 12.58 2.64
CA HIS A 64 5.96 12.30 1.24
C HIS A 64 4.66 12.41 0.44
N GLU A 65 4.76 12.88 -0.79
CA GLU A 65 3.58 13.07 -1.64
C GLU A 65 2.80 11.80 -1.97
N ASN A 66 3.41 10.63 -1.79
CA ASN A 66 2.72 9.37 -2.08
C ASN A 66 2.42 8.57 -0.81
N VAL A 67 2.34 9.28 0.31
CA VAL A 67 2.04 8.68 1.61
C VAL A 67 0.99 9.56 2.29
N VAL A 68 -0.09 8.96 2.77
CA VAL A 68 -1.15 9.71 3.44
C VAL A 68 -0.55 10.59 4.54
N LYS A 69 -0.83 11.89 4.45
CA LYS A 69 -0.31 12.86 5.42
C LYS A 69 -0.96 12.71 6.79
N PHE A 70 -0.17 12.93 7.82
CA PHE A 70 -0.63 12.87 9.20
C PHE A 70 -0.65 14.32 9.70
N TYR A 71 -1.82 14.81 10.08
CA TYR A 71 -1.93 16.18 10.55
C TYR A 71 -1.80 16.30 12.07
N GLY A 72 -2.08 15.21 12.77
CA GLY A 72 -1.99 15.23 14.23
C GLY A 72 -3.06 14.35 14.86
N HIS A 73 -3.11 14.32 16.18
CA HIS A 73 -4.09 13.50 16.88
C HIS A 73 -4.58 14.16 18.15
N ARG A 74 -5.77 13.76 18.61
CA ARG A 74 -6.37 14.31 19.82
C ARG A 74 -6.71 13.22 20.82
N ARG A 75 -6.25 13.40 22.05
CA ARG A 75 -6.48 12.44 23.14
C ARG A 75 -7.97 12.13 23.30
N GLU A 76 -8.68 13.02 24.00
CA GLU A 76 -10.11 12.86 24.24
C GLU A 76 -10.44 11.60 25.04
N GLY A 77 -9.84 11.47 26.22
CA GLY A 77 -10.10 10.32 27.06
C GLY A 77 -9.55 9.01 26.53
N ASN A 78 -10.44 8.13 26.08
CA ASN A 78 -10.04 6.83 25.54
C ASN A 78 -10.23 6.73 24.04
N ILE A 79 -10.86 7.74 23.46
CA ILE A 79 -11.11 7.76 22.01
C ILE A 79 -10.05 8.59 21.29
N GLN A 80 -9.19 7.91 20.52
CA GLN A 80 -8.14 8.57 19.77
C GLN A 80 -8.67 9.11 18.44
N TYR A 81 -8.27 10.34 18.11
CA TYR A 81 -8.69 10.99 16.87
C TYR A 81 -7.47 11.32 16.01
N LEU A 82 -7.27 10.55 14.94
CA LEU A 82 -6.14 10.79 14.05
C LEU A 82 -6.60 11.57 12.81
N PHE A 83 -6.02 12.76 12.64
CA PHE A 83 -6.35 13.60 11.49
C PHE A 83 -5.41 13.28 10.35
N LEU A 84 -5.96 12.66 9.31
CA LEU A 84 -5.20 12.24 8.14
C LEU A 84 -5.66 12.90 6.86
N GLU A 85 -4.79 12.85 5.85
CA GLU A 85 -5.09 13.43 4.56
C GLU A 85 -6.30 12.74 3.93
N TYR A 86 -7.24 13.54 3.44
CA TYR A 86 -8.43 13.00 2.80
C TYR A 86 -8.13 12.74 1.33
N CYS A 87 -8.42 11.53 0.88
CA CYS A 87 -8.18 11.15 -0.51
C CYS A 87 -9.52 10.90 -1.19
N SER A 88 -10.05 11.96 -1.81
CA SER A 88 -11.36 11.90 -2.46
C SER A 88 -11.53 10.93 -3.62
N GLY A 89 -10.42 10.40 -4.13
CA GLY A 89 -10.49 9.46 -5.23
C GLY A 89 -10.81 8.04 -4.78
N GLY A 90 -10.79 7.81 -3.47
CA GLY A 90 -11.09 6.50 -2.94
C GLY A 90 -9.93 5.53 -2.98
N GLU A 91 -10.26 4.23 -3.01
CA GLU A 91 -9.24 3.18 -3.02
C GLU A 91 -8.86 2.75 -4.43
N LEU A 92 -7.62 2.32 -4.59
CA LEU A 92 -7.13 1.84 -5.87
C LEU A 92 -7.92 0.59 -6.21
N PHE A 93 -8.32 -0.13 -5.17
CA PHE A 93 -9.08 -1.35 -5.33
C PHE A 93 -10.31 -1.11 -6.21
N ASP A 94 -10.96 0.03 -6.01
CA ASP A 94 -12.16 0.36 -6.77
C ASP A 94 -11.91 0.84 -8.20
N ARG A 95 -10.65 0.92 -8.61
CA ARG A 95 -10.28 1.33 -9.96
C ARG A 95 -9.92 0.09 -10.79
N ILE A 96 -9.96 -1.06 -10.13
CA ILE A 96 -9.65 -2.34 -10.77
C ILE A 96 -10.94 -3.05 -11.15
N GLU A 97 -11.12 -3.27 -12.45
CA GLU A 97 -12.33 -3.96 -12.91
C GLU A 97 -12.14 -5.46 -12.79
N PRO A 98 -13.03 -6.16 -12.07
CA PRO A 98 -12.91 -7.60 -11.91
C PRO A 98 -12.67 -8.38 -13.20
N ASP A 99 -11.66 -9.24 -13.16
CA ASP A 99 -11.27 -10.08 -14.29
C ASP A 99 -10.66 -9.35 -15.49
N ILE A 100 -10.52 -8.03 -15.42
CA ILE A 100 -9.92 -7.32 -16.54
C ILE A 100 -8.76 -6.40 -16.13
N GLY A 101 -8.91 -5.71 -15.01
CA GLY A 101 -7.86 -4.82 -14.54
C GLY A 101 -8.13 -3.37 -14.90
N MET A 102 -7.16 -2.74 -15.55
CA MET A 102 -7.27 -1.34 -15.98
C MET A 102 -6.29 -1.13 -17.12
N PRO A 103 -6.41 -0.01 -17.85
CA PRO A 103 -5.49 0.27 -18.96
C PRO A 103 -4.04 0.23 -18.48
N GLU A 104 -3.18 -0.43 -19.24
CA GLU A 104 -1.77 -0.58 -18.87
C GLU A 104 -1.07 0.74 -18.53
N PRO A 105 -1.34 1.82 -19.28
CA PRO A 105 -0.69 3.10 -18.97
C PRO A 105 -1.04 3.58 -17.55
N ASP A 106 -2.31 3.38 -17.18
CA ASP A 106 -2.79 3.77 -15.85
C ASP A 106 -2.09 2.93 -14.78
N ALA A 107 -1.97 1.63 -15.04
CA ALA A 107 -1.32 0.74 -14.09
C ALA A 107 0.15 1.13 -13.91
N GLN A 108 0.81 1.50 -15.01
CA GLN A 108 2.21 1.90 -14.94
C GLN A 108 2.40 3.15 -14.11
N ARG A 109 1.54 4.15 -14.31
CA ARG A 109 1.61 5.39 -13.55
C ARG A 109 1.40 5.12 -12.05
N PHE A 110 0.39 4.32 -11.73
CA PHE A 110 0.13 4.00 -10.33
C PHE A 110 1.31 3.23 -9.74
N PHE A 111 1.90 2.35 -10.53
CA PHE A 111 3.03 1.57 -10.05
C PHE A 111 4.25 2.47 -9.80
N HIS A 112 4.43 3.49 -10.66
CA HIS A 112 5.53 4.43 -10.48
C HIS A 112 5.37 5.15 -9.14
N GLN A 113 4.14 5.60 -8.87
CA GLN A 113 3.87 6.30 -7.63
C GLN A 113 3.97 5.40 -6.42
N LEU A 114 3.59 4.14 -6.59
CA LEU A 114 3.71 3.18 -5.49
C LEU A 114 5.20 3.01 -5.16
N MET A 115 6.03 2.84 -6.18
CA MET A 115 7.47 2.68 -5.96
C MET A 115 8.05 3.92 -5.27
N ALA A 116 7.62 5.10 -5.68
CA ALA A 116 8.10 6.34 -5.07
C ALA A 116 7.78 6.34 -3.57
N GLY A 117 6.56 5.91 -3.24
CA GLY A 117 6.15 5.88 -1.84
C GLY A 117 6.93 4.84 -1.05
N VAL A 118 7.09 3.65 -1.62
CA VAL A 118 7.82 2.60 -0.92
C VAL A 118 9.32 2.92 -0.77
N VAL A 119 9.92 3.52 -1.80
CA VAL A 119 11.34 3.89 -1.72
C VAL A 119 11.52 4.86 -0.56
N TYR A 120 10.57 5.77 -0.43
CA TYR A 120 10.62 6.76 0.64
C TYR A 120 10.56 6.08 2.02
N LEU A 121 9.55 5.24 2.21
CA LEU A 121 9.40 4.54 3.47
C LEU A 121 10.65 3.73 3.82
N HIS A 122 11.13 2.95 2.86
CA HIS A 122 12.30 2.13 3.12
C HIS A 122 13.52 2.99 3.44
N GLY A 123 13.58 4.16 2.82
CA GLY A 123 14.69 5.07 3.05
C GLY A 123 14.75 5.57 4.48
N ILE A 124 13.59 5.67 5.11
CA ILE A 124 13.51 6.14 6.50
C ILE A 124 13.47 4.94 7.46
N GLY A 125 13.65 3.74 6.92
CA GLY A 125 13.66 2.55 7.75
C GLY A 125 12.31 1.98 8.17
N ILE A 126 11.25 2.33 7.47
CA ILE A 126 9.96 1.75 7.84
C ILE A 126 9.40 0.85 6.76
N THR A 127 8.78 -0.25 7.20
CA THR A 127 8.15 -1.17 6.28
C THR A 127 6.64 -1.13 6.58
N HIS A 128 5.83 -1.09 5.53
CA HIS A 128 4.38 -1.00 5.69
C HIS A 128 3.75 -2.32 6.13
N ARG A 129 4.23 -3.41 5.53
CA ARG A 129 3.81 -4.79 5.82
C ARG A 129 2.41 -5.24 5.41
N ASP A 130 1.64 -4.37 4.76
CA ASP A 130 0.31 -4.76 4.31
C ASP A 130 -0.10 -4.00 3.06
N ILE A 131 0.81 -3.90 2.09
CA ILE A 131 0.51 -3.20 0.85
C ILE A 131 -0.47 -4.00 0.01
N LYS A 132 -1.56 -3.35 -0.38
CA LYS A 132 -2.62 -3.95 -1.20
C LYS A 132 -3.49 -2.80 -1.68
N PRO A 133 -4.30 -3.03 -2.73
CA PRO A 133 -5.17 -2.00 -3.30
C PRO A 133 -6.07 -1.26 -2.32
N GLU A 134 -6.51 -1.97 -1.27
CA GLU A 134 -7.38 -1.37 -0.26
C GLU A 134 -6.63 -0.32 0.57
N ASN A 135 -5.31 -0.45 0.64
CA ASN A 135 -4.49 0.48 1.40
C ASN A 135 -3.73 1.49 0.54
N LEU A 136 -4.15 1.62 -0.71
CA LEU A 136 -3.55 2.57 -1.64
C LEU A 136 -4.69 3.48 -2.07
N LEU A 137 -4.72 4.69 -1.54
CA LEU A 137 -5.78 5.64 -1.82
C LEU A 137 -5.41 6.62 -2.93
N LEU A 138 -6.42 7.30 -3.48
CA LEU A 138 -6.21 8.25 -4.57
C LEU A 138 -6.77 9.61 -4.22
N ASP A 139 -6.03 10.67 -4.56
CA ASP A 139 -6.49 12.03 -4.28
C ASP A 139 -7.35 12.50 -5.45
N GLU A 140 -7.67 13.79 -5.48
CA GLU A 140 -8.50 14.33 -6.55
C GLU A 140 -7.89 14.23 -7.95
N ARG A 141 -6.57 14.20 -8.03
CA ARG A 141 -5.88 14.09 -9.32
C ARG A 141 -5.39 12.66 -9.57
N ASP A 142 -5.97 11.72 -8.84
CA ASP A 142 -5.60 10.31 -8.95
C ASP A 142 -4.16 10.01 -8.55
N ASN A 143 -3.62 10.78 -7.63
CA ASN A 143 -2.26 10.52 -7.15
C ASN A 143 -2.38 9.46 -6.07
N LEU A 144 -1.51 8.45 -6.13
CA LEU A 144 -1.53 7.36 -5.16
C LEU A 144 -0.91 7.73 -3.82
N LYS A 145 -1.57 7.30 -2.74
CA LYS A 145 -1.13 7.58 -1.38
C LYS A 145 -1.16 6.29 -0.55
N ILE A 146 -0.01 5.90 -0.02
CA ILE A 146 0.05 4.69 0.81
C ILE A 146 -0.67 5.01 2.12
N SER A 147 -1.58 4.13 2.50
CA SER A 147 -2.42 4.32 3.69
C SER A 147 -2.39 3.22 4.74
N ASP A 148 -2.70 3.62 5.97
CA ASP A 148 -2.78 2.71 7.13
C ASP A 148 -1.48 2.10 7.62
N PHE A 149 -0.89 2.71 8.63
CA PHE A 149 0.36 2.24 9.19
C PHE A 149 0.18 1.46 10.49
N GLY A 150 -1.00 0.88 10.64
CA GLY A 150 -1.31 0.10 11.83
C GLY A 150 -0.46 -1.15 11.96
N LEU A 151 0.08 -1.63 10.84
CA LEU A 151 0.94 -2.83 10.88
C LEU A 151 2.40 -2.53 10.55
N ALA A 152 2.69 -1.26 10.29
CA ALA A 152 4.04 -0.83 9.94
C ALA A 152 5.01 -0.93 11.11
N THR A 153 6.30 -1.06 10.81
CA THR A 153 7.31 -1.13 11.84
C THR A 153 8.65 -0.62 11.32
N VAL A 154 9.55 -0.29 12.23
CA VAL A 154 10.86 0.20 11.85
C VAL A 154 11.76 -1.02 11.69
N PHE A 155 12.41 -1.13 10.53
CA PHE A 155 13.29 -2.27 10.32
C PHE A 155 14.75 -1.84 10.25
N ARG A 156 14.99 -0.53 10.27
CA ARG A 156 16.36 -0.04 10.26
C ARG A 156 16.46 1.13 11.21
N TYR A 157 17.37 1.02 12.18
CA TYR A 157 17.56 2.07 13.16
C TYR A 157 19.06 2.19 13.39
N ASN A 158 19.55 3.43 13.43
CA ASN A 158 20.98 3.69 13.63
C ASN A 158 21.84 2.93 12.63
N ASN A 159 21.34 2.85 11.39
CA ASN A 159 22.01 2.18 10.28
C ASN A 159 22.19 0.68 10.46
N ARG A 160 21.42 0.09 11.37
CA ARG A 160 21.48 -1.34 11.60
C ARG A 160 20.13 -1.95 11.23
N GLU A 161 20.14 -2.94 10.34
CA GLU A 161 18.91 -3.58 9.91
C GLU A 161 18.49 -4.65 10.92
N ARG A 162 17.19 -4.71 11.18
CA ARG A 162 16.63 -5.72 12.08
C ARG A 162 15.81 -6.69 11.24
N LEU A 163 16.07 -7.98 11.38
CA LEU A 163 15.30 -8.97 10.64
C LEU A 163 13.95 -9.12 11.31
N LEU A 164 12.92 -9.36 10.51
CA LEU A 164 11.57 -9.51 11.06
C LEU A 164 11.18 -10.97 11.19
N ASN A 165 10.20 -11.24 12.05
CA ASN A 165 9.70 -12.60 12.24
C ASN A 165 8.18 -12.61 12.44
N LYS A 166 7.60 -11.43 12.60
CA LYS A 166 6.15 -11.35 12.81
C LYS A 166 5.38 -11.72 11.53
N MET A 167 4.49 -12.70 11.64
CA MET A 167 3.68 -13.08 10.49
C MET A 167 2.50 -12.11 10.47
N CYS A 168 2.43 -11.29 9.44
CA CYS A 168 1.36 -10.32 9.31
C CYS A 168 1.19 -9.93 7.85
N GLY A 169 0.10 -9.22 7.56
CA GLY A 169 -0.19 -8.82 6.20
C GLY A 169 -1.53 -9.41 5.77
N THR A 170 -1.64 -9.70 4.49
CA THR A 170 -2.85 -10.27 3.89
C THR A 170 -2.37 -11.40 2.97
N LEU A 171 -2.81 -12.62 3.27
CA LEU A 171 -2.38 -13.82 2.53
C LEU A 171 -2.11 -13.74 1.01
N PRO A 172 -3.07 -13.28 0.21
CA PRO A 172 -2.83 -13.21 -1.25
C PRO A 172 -1.67 -12.29 -1.65
N TYR A 173 -1.34 -11.35 -0.77
CA TYR A 173 -0.27 -10.38 -1.01
C TYR A 173 1.03 -10.66 -0.28
N VAL A 174 1.02 -11.61 0.65
CA VAL A 174 2.21 -11.87 1.44
C VAL A 174 3.30 -12.69 0.72
N ALA A 175 4.56 -12.36 0.99
CA ALA A 175 5.70 -13.05 0.37
C ALA A 175 5.84 -14.48 0.91
N PRO A 176 6.29 -15.42 0.06
CA PRO A 176 6.45 -16.81 0.48
C PRO A 176 7.38 -17.06 1.68
N GLU A 177 8.41 -16.23 1.84
CA GLU A 177 9.33 -16.43 2.95
C GLU A 177 8.65 -16.23 4.31
N LEU A 178 7.61 -15.40 4.35
CA LEU A 178 6.90 -15.16 5.60
C LEU A 178 6.19 -16.44 6.05
N LEU A 179 5.89 -17.32 5.09
CA LEU A 179 5.21 -18.57 5.42
C LEU A 179 6.16 -19.75 5.57
N LYS A 180 7.44 -19.57 5.25
CA LYS A 180 8.34 -20.71 5.35
C LYS A 180 9.59 -20.51 6.18
N ARG A 181 9.93 -19.27 6.49
CA ARG A 181 11.13 -18.99 7.26
C ARG A 181 10.83 -18.27 8.57
N ARG A 182 11.62 -18.54 9.60
CA ARG A 182 11.40 -17.90 10.90
C ARG A 182 11.70 -16.41 10.82
N GLU A 183 12.80 -16.06 10.14
CA GLU A 183 13.19 -14.66 9.98
C GLU A 183 13.30 -14.29 8.51
N PHE A 184 13.18 -13.00 8.22
CA PHE A 184 13.24 -12.53 6.84
C PHE A 184 13.50 -11.03 6.78
N HIS A 185 14.11 -10.59 5.67
CA HIS A 185 14.39 -9.17 5.44
C HIS A 185 13.07 -8.44 5.14
N ALA A 186 12.92 -7.24 5.67
CA ALA A 186 11.68 -6.48 5.48
C ALA A 186 11.42 -5.99 4.05
N GLU A 187 12.45 -5.44 3.42
CA GLU A 187 12.26 -4.87 2.09
C GLU A 187 11.71 -5.77 0.99
N PRO A 188 12.26 -6.99 0.83
CA PRO A 188 11.72 -7.85 -0.23
C PRO A 188 10.25 -8.24 -0.02
N VAL A 189 9.77 -8.18 1.22
CA VAL A 189 8.38 -8.53 1.49
C VAL A 189 7.46 -7.45 0.88
N ASP A 190 7.84 -6.19 1.05
CA ASP A 190 7.05 -5.09 0.49
C ASP A 190 7.18 -5.11 -1.03
N VAL A 191 8.34 -5.52 -1.54
CA VAL A 191 8.50 -5.56 -3.00
C VAL A 191 7.53 -6.60 -3.58
N TRP A 192 7.42 -7.74 -2.92
CA TRP A 192 6.54 -8.82 -3.37
C TRP A 192 5.08 -8.35 -3.40
N SER A 193 4.60 -7.74 -2.32
CA SER A 193 3.21 -7.29 -2.32
C SER A 193 2.98 -6.26 -3.42
N CYS A 194 3.98 -5.43 -3.71
CA CYS A 194 3.80 -4.46 -4.80
C CYS A 194 3.63 -5.20 -6.14
N GLY A 195 4.27 -6.36 -6.25
CA GLY A 195 4.17 -7.17 -7.46
C GLY A 195 2.77 -7.76 -7.60
N ILE A 196 2.19 -8.15 -6.49
CA ILE A 196 0.83 -8.71 -6.53
C ILE A 196 -0.15 -7.58 -6.86
N VAL A 197 0.11 -6.37 -6.37
CA VAL A 197 -0.73 -5.22 -6.68
C VAL A 197 -0.65 -4.96 -8.19
N LEU A 198 0.54 -5.09 -8.77
CA LEU A 198 0.71 -4.85 -10.20
C LEU A 198 -0.08 -5.90 -10.97
N THR A 199 -0.01 -7.14 -10.52
CA THR A 199 -0.76 -8.22 -11.17
C THR A 199 -2.25 -7.92 -11.15
N ALA A 200 -2.75 -7.49 -9.99
CA ALA A 200 -4.16 -7.15 -9.85
C ALA A 200 -4.57 -6.02 -10.79
N MET A 201 -3.75 -4.97 -10.87
CA MET A 201 -4.06 -3.85 -11.75
C MET A 201 -4.09 -4.25 -13.22
N LEU A 202 -3.26 -5.20 -13.60
CA LEU A 202 -3.17 -5.63 -15.00
C LEU A 202 -4.09 -6.79 -15.43
N ALA A 203 -4.62 -7.54 -14.48
CA ALA A 203 -5.48 -8.68 -14.82
C ALA A 203 -6.81 -8.70 -14.09
N GLY A 204 -6.98 -7.84 -13.11
CA GLY A 204 -8.24 -7.78 -12.37
C GLY A 204 -8.52 -9.01 -11.54
N GLU A 205 -7.47 -9.72 -11.16
CA GLU A 205 -7.61 -10.92 -10.33
C GLU A 205 -6.30 -11.22 -9.62
N LEU A 206 -6.41 -11.85 -8.46
CA LEU A 206 -5.22 -12.21 -7.68
C LEU A 206 -4.81 -13.59 -8.19
N PRO A 207 -3.50 -13.80 -8.38
CA PRO A 207 -2.95 -15.07 -8.86
C PRO A 207 -3.09 -16.30 -7.98
N TRP A 208 -3.09 -16.12 -6.66
CA TRP A 208 -3.23 -17.26 -5.75
C TRP A 208 -3.75 -16.87 -4.37
N ASP A 209 -4.32 -17.85 -3.66
CA ASP A 209 -4.83 -17.62 -2.32
C ASP A 209 -3.67 -17.29 -1.38
N GLN A 210 -2.53 -17.94 -1.62
CA GLN A 210 -1.32 -17.73 -0.83
C GLN A 210 -0.15 -18.38 -1.56
N PRO A 211 1.07 -17.89 -1.31
CA PRO A 211 2.28 -18.41 -1.96
C PRO A 211 2.86 -19.65 -1.30
N SER A 212 2.12 -20.75 -1.34
CA SER A 212 2.56 -22.01 -0.75
C SER A 212 2.62 -23.11 -1.81
N ASP A 213 3.50 -24.09 -1.59
CA ASP A 213 3.64 -25.19 -2.54
C ASP A 213 2.33 -25.96 -2.65
N SER A 214 1.53 -25.91 -1.59
CA SER A 214 0.23 -26.60 -1.57
C SER A 214 -0.78 -25.89 -2.46
N CYS A 215 -0.52 -24.63 -2.78
CA CYS A 215 -1.41 -23.86 -3.63
C CYS A 215 -1.08 -24.11 -5.10
N GLN A 216 -2.00 -24.78 -5.79
CA GLN A 216 -1.80 -25.12 -7.19
C GLN A 216 -1.48 -23.91 -8.08
N GLU A 217 -2.18 -22.80 -7.87
CA GLU A 217 -1.94 -21.61 -8.67
C GLU A 217 -0.50 -21.11 -8.49
N TYR A 218 0.02 -21.22 -7.28
CA TYR A 218 1.39 -20.78 -7.04
C TYR A 218 2.39 -21.75 -7.66
N SER A 219 2.11 -23.05 -7.58
CA SER A 219 3.00 -24.04 -8.18
C SER A 219 3.07 -23.85 -9.69
N ASP A 220 1.92 -23.59 -10.32
CA ASP A 220 1.85 -23.37 -11.75
C ASP A 220 2.76 -22.20 -12.16
N TRP A 221 2.77 -21.15 -11.35
CA TRP A 221 3.61 -19.99 -11.63
C TRP A 221 5.09 -20.36 -11.58
N LYS A 222 5.48 -21.10 -10.55
CA LYS A 222 6.88 -21.50 -10.43
C LYS A 222 7.27 -22.43 -11.57
N GLU A 223 6.27 -23.08 -12.17
CA GLU A 223 6.52 -23.98 -13.30
C GLU A 223 6.47 -23.22 -14.62
N LYS A 224 6.30 -21.90 -14.53
CA LYS A 224 6.26 -21.02 -15.69
C LYS A 224 5.07 -21.24 -16.63
N LYS A 225 3.94 -21.66 -16.08
CA LYS A 225 2.74 -21.88 -16.89
C LYS A 225 2.00 -20.55 -17.07
N THR A 226 2.65 -19.60 -17.73
CA THR A 226 2.06 -18.29 -17.95
C THR A 226 0.93 -18.25 -18.97
N TYR A 227 0.61 -19.39 -19.55
CA TYR A 227 -0.48 -19.47 -20.52
C TYR A 227 -1.79 -19.58 -19.75
N LEU A 228 -1.68 -19.64 -18.42
CA LEU A 228 -2.84 -19.73 -17.55
C LEU A 228 -3.46 -18.37 -17.23
N ASN A 229 -4.77 -18.41 -17.01
CA ASN A 229 -5.64 -17.26 -16.73
C ASN A 229 -5.07 -15.90 -16.36
N PRO A 230 -4.50 -15.74 -15.16
CA PRO A 230 -3.99 -14.40 -14.85
C PRO A 230 -2.90 -13.87 -15.81
N TRP A 231 -1.80 -14.61 -15.90
CA TRP A 231 -0.66 -14.22 -16.72
C TRP A 231 -0.91 -14.06 -18.23
N LYS A 232 -1.82 -14.84 -18.80
CA LYS A 232 -2.07 -14.72 -20.24
C LYS A 232 -2.75 -13.41 -20.63
N LYS A 233 -3.21 -12.65 -19.65
CA LYS A 233 -3.89 -11.38 -19.90
C LYS A 233 -2.98 -10.15 -19.74
N ILE A 234 -1.74 -10.36 -19.37
CA ILE A 234 -0.87 -9.23 -19.08
C ILE A 234 -0.03 -8.48 -20.14
N ASP A 235 1.13 -9.04 -20.49
CA ASP A 235 2.08 -8.48 -21.49
C ASP A 235 3.34 -9.29 -21.39
N SER A 236 4.19 -9.10 -22.39
CA SER A 236 5.41 -9.85 -22.23
C SER A 236 6.09 -8.68 -21.53
N ALA A 237 6.03 -7.37 -21.81
CA ALA A 237 6.86 -6.42 -21.09
C ALA A 237 6.57 -6.39 -19.59
N PRO A 238 5.34 -6.08 -19.19
CA PRO A 238 5.09 -6.09 -17.73
C PRO A 238 5.21 -7.48 -17.11
N LEU A 239 4.90 -8.52 -17.90
CA LEU A 239 5.02 -9.88 -17.40
C LEU A 239 6.47 -10.18 -17.05
N ALA A 240 7.40 -9.69 -17.87
CA ALA A 240 8.82 -9.90 -17.62
C ALA A 240 9.21 -9.26 -16.28
N LEU A 241 8.60 -8.13 -15.94
CA LEU A 241 8.90 -7.49 -14.66
C LEU A 241 8.33 -8.35 -13.53
N LEU A 242 7.10 -8.82 -13.70
CA LEU A 242 6.48 -9.66 -12.68
C LEU A 242 7.34 -10.91 -12.45
N HIS A 243 7.98 -11.41 -13.51
CA HIS A 243 8.83 -12.59 -13.38
C HIS A 243 10.05 -12.30 -12.50
N LYS A 244 10.43 -11.03 -12.43
CA LYS A 244 11.58 -10.63 -11.61
C LYS A 244 11.16 -10.29 -10.17
N ILE A 245 9.91 -9.85 -10.00
CA ILE A 245 9.41 -9.52 -8.66
C ILE A 245 8.90 -10.74 -7.90
N LEU A 246 8.08 -11.56 -8.55
CA LEU A 246 7.51 -12.72 -7.87
C LEU A 246 8.43 -13.94 -7.88
N VAL A 247 9.63 -13.72 -7.37
CA VAL A 247 10.66 -14.74 -7.26
C VAL A 247 10.62 -15.26 -5.83
N GLU A 248 10.53 -16.58 -5.69
CA GLU A 248 10.41 -17.19 -4.36
C GLU A 248 11.54 -16.86 -3.39
N ASN A 249 12.78 -16.94 -3.87
CA ASN A 249 13.94 -16.65 -3.02
C ASN A 249 14.06 -15.13 -2.86
N PRO A 250 13.79 -14.59 -1.65
CA PRO A 250 13.89 -13.15 -1.44
C PRO A 250 15.26 -12.54 -1.72
N SER A 251 16.31 -13.36 -1.60
CA SER A 251 17.65 -12.87 -1.87
C SER A 251 17.90 -12.68 -3.36
N ALA A 252 17.18 -13.44 -4.19
CA ALA A 252 17.33 -13.34 -5.65
C ALA A 252 16.29 -12.39 -6.25
N ARG A 253 15.27 -12.06 -5.47
CA ARG A 253 14.20 -11.18 -5.94
C ARG A 253 14.75 -9.80 -6.32
N ILE A 254 14.17 -9.20 -7.34
CA ILE A 254 14.62 -7.90 -7.80
C ILE A 254 14.42 -6.84 -6.70
N THR A 255 15.34 -5.89 -6.62
CA THR A 255 15.26 -4.82 -5.62
C THR A 255 14.62 -3.62 -6.31
N ILE A 256 14.24 -2.61 -5.55
CA ILE A 256 13.62 -1.46 -6.18
C ILE A 256 14.58 -0.70 -7.10
N PRO A 257 15.85 -0.53 -6.70
CA PRO A 257 16.73 0.19 -7.64
C PRO A 257 16.74 -0.47 -9.02
N ASP A 258 16.64 -1.80 -9.04
CA ASP A 258 16.62 -2.53 -10.30
C ASP A 258 15.25 -2.50 -10.99
N ILE A 259 14.19 -2.40 -10.20
CA ILE A 259 12.85 -2.28 -10.78
C ILE A 259 12.85 -0.98 -11.59
N LYS A 260 13.47 0.06 -11.04
CA LYS A 260 13.52 1.36 -11.72
C LYS A 260 14.27 1.32 -13.05
N LYS A 261 15.02 0.24 -13.28
CA LYS A 261 15.79 0.06 -14.51
C LYS A 261 15.09 -0.88 -15.49
N ASP A 262 13.98 -1.47 -15.06
CA ASP A 262 13.24 -2.41 -15.88
C ASP A 262 12.71 -1.80 -17.17
N ARG A 263 12.71 -2.58 -18.24
CA ARG A 263 12.25 -2.09 -19.53
C ARG A 263 10.81 -1.59 -19.52
N TRP A 264 9.88 -2.37 -18.98
CA TRP A 264 8.49 -1.92 -18.94
C TRP A 264 8.32 -0.69 -18.06
N TYR A 265 9.00 -0.68 -16.91
CA TYR A 265 8.92 0.44 -16.00
C TYR A 265 9.25 1.76 -16.71
N ASN A 266 10.21 1.70 -17.64
CA ASN A 266 10.63 2.89 -18.36
C ASN A 266 10.01 3.12 -19.74
N LYS A 267 9.06 2.27 -20.13
CA LYS A 267 8.42 2.42 -21.44
C LYS A 267 7.42 3.57 -21.50
N PRO A 268 7.55 4.45 -22.50
CA PRO A 268 6.60 5.56 -22.59
C PRO A 268 5.24 4.96 -22.97
N LEU A 269 4.23 5.22 -22.15
CA LEU A 269 2.90 4.67 -22.40
C LEU A 269 1.76 5.64 -22.18
N LYS A 270 1.87 6.48 -21.15
CA LYS A 270 0.78 7.40 -20.85
C LYS A 270 1.07 8.88 -20.99
N LYS A 271 0.10 9.59 -21.55
CA LYS A 271 0.18 11.03 -21.74
C LYS A 271 -0.12 11.67 -20.39
N GLY A 272 0.30 12.93 -20.22
CA GLY A 272 0.03 13.62 -18.99
C GLY A 272 -1.45 13.92 -18.88
N ALA A 273 -1.88 14.48 -17.75
CA ALA A 273 -3.28 14.82 -17.53
C ALA A 273 -3.86 15.59 -18.72
N LYS A 274 -5.16 15.41 -18.96
CA LYS A 274 -5.84 16.09 -20.06
C LYS A 274 -5.78 17.60 -19.90
N ARG A 275 -5.14 18.26 -20.85
CA ARG A 275 -5.01 19.72 -20.84
C ARG A 275 -4.34 20.21 -19.57
N PRO A 276 -3.02 20.07 -19.51
CA PRO A 276 -2.25 20.49 -18.35
C PRO A 276 -0.77 20.62 -18.70
#